data_7M7O
#
_entry.id   7M7O
#
_cell.length_a   98.589
_cell.length_b   98.589
_cell.length_c   82.196
_cell.angle_alpha   90.000
_cell.angle_beta   90.000
_cell.angle_gamma   120.000
#
_symmetry.space_group_name_H-M   'P 61'
#
loop_
_entity.id
_entity.type
_entity.pdbx_description
1 polymer 'DNA polymerase eta'
2 polymer "DNA (5'-D(*CP*AP*TP*TP*AP*TP*GP*AP*CP*GP*CP*T)-3')"
3 polymer "DNA (5'-D(*TP*AP*GP*CP*GP*TP*CP*AP*T)-3')"
4 non-polymer "2'-deoxy-5'-O-[(R)-hydroxy{[(R)-hydroxy(phosphonooxy)phosphoryl]amino}phosphoryl]adenosine"
5 non-polymer 'MAGNESIUM ION'
6 non-polymer GLYCEROL
7 water water
#
loop_
_entity_poly.entity_id
_entity_poly.type
_entity_poly.pdbx_seq_one_letter_code
_entity_poly.pdbx_strand_id
1 'polypeptide(L)'
;GPHMATGQDRVVALVDMDCFFVQVEQRQNPHLRNKPCAVVQYKSWKGGGIIAVSYEARAFGVTRSMWADDAKKLCPDLLL
AQVRESRGKANLTKYREASVEVMEIMSRFAVIERASIDEAYVDLTSAVQERLQKLQGQPISADLLPSTYIEGLPQGPTTA
EETVQKEGMRKQGLFQWLDSLQIDNLTSPDLQLTVGAVIVEEMRAAIERETGFQCSAGISHNKVLAKLACGLNKPNRQTL
VSHGSVPQLFSQMPIRKIRSLGGKLGASVIEILGIEYMGELTQFTESQLQSHFGEKNGSWLYAMCRGIEHDPVKPRQLPK
TIGCSKNFPGKTALATREQVQWWLLQLAQELEERLTKDRNDNDRVATQLVVSIRVQGDKRLSSLRRCCALTRYDAHKMSH
DAFTVIKNCNTSGIQTEWSPPLTMLFLCATKFSAS
;
A
2 'polydeoxyribonucleotide' (DC)(DA)(DT)(DT)(DA)(DT)(DG)(DA)(DC)(DG)(DC)(DT) T
3 'polydeoxyribonucleotide' (DT)(DA)(DG)(DC)(DG)(DT)(DC)(DA)(DT) P
#
loop_
_chem_comp.id
_chem_comp.type
_chem_comp.name
_chem_comp.formula
DA DNA linking 2'-DEOXYADENOSINE-5'-MONOPHOSPHATE 'C10 H14 N5 O6 P'
DC DNA linking 2'-DEOXYCYTIDINE-5'-MONOPHOSPHATE 'C9 H14 N3 O7 P'
DG DNA linking 2'-DEOXYGUANOSINE-5'-MONOPHOSPHATE 'C10 H14 N5 O7 P'
DT DNA linking THYMIDINE-5'-MONOPHOSPHATE 'C10 H15 N2 O8 P'
DZ4 non-polymer 2'-deoxy-5'-O-[(R)-hydroxy{[(R)-hydroxy(phosphonooxy)phosphoryl]amino}phosphoryl]adenosine 'C10 H17 N6 O11 P3'
GOL non-polymer GLYCEROL 'C3 H8 O3'
MG non-polymer 'MAGNESIUM ION' 'Mg 2'
#
# COMPACT_ATOMS: atom_id res chain seq x y z
N GLY A 1 -11.76 33.55 -3.21
CA GLY A 1 -12.13 33.46 -4.61
C GLY A 1 -10.92 33.18 -5.48
N PRO A 2 -10.41 34.20 -6.15
CA PRO A 2 -9.31 34.00 -7.11
C PRO A 2 -7.98 33.57 -6.48
N HIS A 3 -7.83 33.64 -5.15
CA HIS A 3 -6.59 33.28 -4.49
C HIS A 3 -6.68 32.02 -3.62
N MET A 4 -7.83 31.33 -3.59
CA MET A 4 -7.99 30.11 -2.80
C MET A 4 -7.52 28.90 -3.59
N ALA A 5 -6.46 28.25 -3.08
CA ALA A 5 -5.96 27.04 -3.72
C ALA A 5 -7.03 25.94 -3.73
N THR A 6 -7.01 25.14 -4.79
CA THR A 6 -7.96 24.05 -4.93
C THR A 6 -7.30 22.68 -4.97
N GLY A 7 -5.98 22.60 -4.84
CA GLY A 7 -5.31 21.30 -4.81
C GLY A 7 -5.48 20.53 -6.09
N GLN A 8 -5.45 21.23 -7.22
CA GLN A 8 -5.65 20.63 -8.54
C GLN A 8 -4.41 20.72 -9.43
N ASP A 9 -3.24 20.93 -8.83
CA ASP A 9 -2.01 21.21 -9.57
C ASP A 9 -1.33 19.96 -10.15
N ARG A 10 -1.55 18.79 -9.56
CA ARG A 10 -0.87 17.56 -9.96
C ARG A 10 -1.86 16.50 -10.44
N VAL A 11 -1.37 15.53 -11.23
CA VAL A 11 -2.10 14.28 -11.48
C VAL A 11 -1.31 13.17 -10.79
N VAL A 12 -1.95 12.47 -9.84
CA VAL A 12 -1.30 11.43 -9.02
C VAL A 12 -2.12 10.16 -9.13
N ALA A 13 -1.46 9.02 -9.35
CA ALA A 13 -2.16 7.76 -9.31
C ALA A 13 -1.59 6.87 -8.22
N LEU A 14 -2.43 5.92 -7.76
CA LEU A 14 -2.00 4.85 -6.84
C LEU A 14 -2.40 3.53 -7.52
N VAL A 15 -1.41 2.69 -7.83
CA VAL A 15 -1.66 1.41 -8.47
C VAL A 15 -1.44 0.35 -7.40
N ASP A 16 -2.43 -0.53 -7.23
CA ASP A 16 -2.35 -1.55 -6.19
C ASP A 16 -2.74 -2.92 -6.75
N MET A 17 -1.86 -3.90 -6.57
CA MET A 17 -2.11 -5.20 -7.18
C MET A 17 -3.32 -5.87 -6.52
N ASP A 18 -4.11 -6.58 -7.32
CA ASP A 18 -5.26 -7.29 -6.76
C ASP A 18 -4.77 -8.58 -6.11
N CYS A 19 -5.26 -8.85 -4.89
CA CYS A 19 -4.88 -10.04 -4.11
C CYS A 19 -3.48 -10.56 -4.45
N PHE A 20 -2.46 -9.74 -4.21
CA PHE A 20 -1.16 -9.85 -4.86
C PHE A 20 -0.52 -11.23 -4.63
N PHE A 21 -0.33 -11.65 -3.36
CA PHE A 21 0.40 -12.91 -3.19
C PHE A 21 -0.35 -14.07 -3.82
N VAL A 22 -1.68 -14.00 -3.81
CA VAL A 22 -2.49 -15.02 -4.48
C VAL A 22 -2.22 -15.03 -5.97
N GLN A 23 -2.18 -13.85 -6.61
CA GLN A 23 -1.91 -13.86 -8.05
C GLN A 23 -0.53 -14.41 -8.36
N VAL A 24 0.48 -14.10 -7.51
CA VAL A 24 1.84 -14.68 -7.72
C VAL A 24 1.77 -16.21 -7.74
N GLU A 25 1.05 -16.76 -6.75
CA GLU A 25 0.93 -18.22 -6.67
C GLU A 25 0.08 -18.78 -7.81
N GLN A 26 -0.93 -18.03 -8.27
CA GLN A 26 -1.78 -18.51 -9.36
C GLN A 26 -1.07 -18.48 -10.70
N ARG A 27 -0.20 -17.48 -10.90
CA ARG A 27 0.63 -17.50 -12.10
C ARG A 27 1.51 -18.74 -12.09
N GLN A 28 2.11 -19.06 -10.94
CA GLN A 28 3.01 -20.20 -10.89
C GLN A 28 2.27 -21.54 -10.98
N ASN A 29 1.07 -21.61 -10.41
CA ASN A 29 0.32 -22.88 -10.38
C ASN A 29 -1.03 -22.67 -11.04
N PRO A 30 -1.17 -23.01 -12.34
CA PRO A 30 -2.46 -22.80 -13.05
C PRO A 30 -3.67 -23.48 -12.42
N HIS A 31 -3.47 -24.54 -11.66
CA HIS A 31 -4.57 -25.19 -10.97
C HIS A 31 -5.25 -24.27 -9.96
N LEU A 32 -4.57 -23.22 -9.50
CA LEU A 32 -5.17 -22.30 -8.53
C LEU A 32 -5.94 -21.16 -9.18
N ARG A 33 -5.83 -20.98 -10.51
CA ARG A 33 -6.42 -19.82 -11.17
C ARG A 33 -7.94 -19.89 -11.17
N ASN A 34 -8.58 -18.72 -10.98
CA ASN A 34 -10.06 -18.61 -11.04
C ASN A 34 -10.72 -19.50 -10.01
N LYS A 35 -10.10 -19.61 -8.84
CA LYS A 35 -10.66 -20.49 -7.82
C LYS A 35 -10.67 -19.74 -6.50
N PRO A 36 -11.51 -20.13 -5.54
CA PRO A 36 -11.34 -19.63 -4.16
C PRO A 36 -10.00 -20.12 -3.61
N CYS A 37 -9.11 -19.17 -3.29
N CYS A 37 -9.12 -19.19 -3.29
CA CYS A 37 -7.71 -19.49 -3.01
CA CYS A 37 -7.84 -19.63 -2.77
C CYS A 37 -7.19 -18.49 -1.97
C CYS A 37 -7.24 -18.53 -1.93
N ALA A 38 -6.27 -18.95 -1.12
CA ALA A 38 -5.62 -18.05 -0.18
C ALA A 38 -4.16 -18.48 -0.02
N VAL A 39 -3.34 -17.52 0.42
CA VAL A 39 -1.95 -17.77 0.75
C VAL A 39 -1.84 -17.78 2.26
N VAL A 40 -1.14 -18.79 2.81
CA VAL A 40 -1.05 -19.04 4.25
C VAL A 40 0.42 -19.09 4.63
N GLN A 41 0.72 -18.73 5.89
CA GLN A 41 2.06 -18.92 6.41
C GLN A 41 2.01 -19.79 7.66
N TYR A 42 2.81 -20.87 7.66
CA TYR A 42 2.91 -21.83 8.77
C TYR A 42 1.71 -22.74 9.04
N LYS A 43 1.80 -24.01 8.67
CA LYS A 43 0.66 -24.94 8.71
C LYS A 43 0.28 -25.49 10.08
N SER A 44 1.25 -25.72 10.98
CA SER A 44 0.95 -26.48 12.20
C SER A 44 -0.08 -25.82 13.13
N TRP A 45 -0.03 -24.50 13.36
CA TRP A 45 -1.01 -23.84 14.23
C TRP A 45 -2.26 -23.49 13.44
N LYS A 46 -3.31 -24.27 13.64
CA LYS A 46 -4.66 -23.98 13.11
C LYS A 46 -4.66 -23.89 11.59
N GLY A 47 -3.76 -24.62 10.95
CA GLY A 47 -3.72 -24.69 9.52
C GLY A 47 -2.93 -23.59 8.86
N GLY A 48 -2.42 -22.65 9.66
CA GLY A 48 -1.66 -21.53 9.18
C GLY A 48 -2.48 -20.26 9.11
N GLY A 49 -1.79 -19.14 9.07
CA GLY A 49 -2.46 -17.86 9.09
C GLY A 49 -2.57 -17.31 7.67
N ILE A 50 -3.78 -16.88 7.30
CA ILE A 50 -4.02 -16.42 5.93
C ILE A 50 -3.49 -14.99 5.81
N ILE A 51 -2.73 -14.72 4.76
CA ILE A 51 -2.25 -13.37 4.51
C ILE A 51 -2.73 -12.77 3.19
N ALA A 52 -3.39 -13.54 2.32
CA ALA A 52 -3.94 -12.99 1.08
C ALA A 52 -5.07 -13.91 0.61
N VAL A 53 -6.10 -13.32 -0.03
CA VAL A 53 -7.35 -14.03 -0.29
C VAL A 53 -7.85 -13.66 -1.69
N SER A 54 -8.12 -14.65 -2.53
CA SER A 54 -8.67 -14.36 -3.84
C SER A 54 -10.10 -13.83 -3.72
N TYR A 55 -10.51 -13.08 -4.75
CA TYR A 55 -11.86 -12.49 -4.68
C TYR A 55 -12.94 -13.56 -4.63
N GLU A 56 -12.71 -14.70 -5.32
CA GLU A 56 -13.65 -15.80 -5.21
C GLU A 56 -13.78 -16.30 -3.78
N ALA A 57 -12.65 -16.36 -3.05
CA ALA A 57 -12.72 -16.80 -1.65
C ALA A 57 -13.30 -15.74 -0.73
N ARG A 58 -13.06 -14.44 -1.02
CA ARG A 58 -13.66 -13.38 -0.20
C ARG A 58 -15.17 -13.44 -0.23
N ALA A 59 -15.74 -13.92 -1.35
CA ALA A 59 -17.21 -14.05 -1.43
C ALA A 59 -17.77 -15.03 -0.40
N PHE A 60 -16.97 -15.96 0.13
CA PHE A 60 -17.38 -16.86 1.20
C PHE A 60 -17.16 -16.29 2.59
N GLY A 61 -16.54 -15.11 2.70
CA GLY A 61 -16.21 -14.51 3.97
C GLY A 61 -14.79 -14.77 4.47
N VAL A 62 -13.92 -15.35 3.63
CA VAL A 62 -12.52 -15.56 4.01
C VAL A 62 -11.81 -14.21 4.03
N THR A 63 -11.01 -13.98 5.06
CA THR A 63 -10.29 -12.74 5.22
C THR A 63 -8.84 -12.98 5.63
N ARG A 64 -8.01 -11.98 5.35
N ARG A 64 -8.02 -11.97 5.36
CA ARG A 64 -6.70 -11.86 5.99
CA ARG A 64 -6.69 -11.92 5.97
C ARG A 64 -6.82 -12.02 7.51
C ARG A 64 -6.81 -12.03 7.49
N SER A 65 -5.77 -12.60 8.11
CA SER A 65 -5.61 -12.88 9.53
C SER A 65 -6.42 -14.09 10.01
N MET A 66 -7.31 -14.63 9.20
CA MET A 66 -8.05 -15.82 9.58
C MET A 66 -7.10 -17.01 9.60
N TRP A 67 -7.31 -17.93 10.54
CA TRP A 67 -6.64 -19.22 10.49
C TRP A 67 -7.21 -20.06 9.37
N ALA A 68 -6.34 -20.77 8.65
CA ALA A 68 -6.83 -21.57 7.52
C ALA A 68 -7.89 -22.59 7.96
N ASP A 69 -7.73 -23.17 9.15
CA ASP A 69 -8.73 -24.14 9.60
C ASP A 69 -10.10 -23.47 9.72
N ASP A 70 -10.12 -22.19 10.14
CA ASP A 70 -11.39 -21.49 10.25
C ASP A 70 -11.91 -21.04 8.89
N ALA A 71 -11.02 -20.59 8.01
CA ALA A 71 -11.43 -20.26 6.64
C ALA A 71 -12.09 -21.44 5.95
N LYS A 72 -11.57 -22.64 6.22
CA LYS A 72 -12.12 -23.86 5.62
C LYS A 72 -13.55 -24.13 6.11
N LYS A 73 -13.92 -23.63 7.29
CA LYS A 73 -15.31 -23.76 7.73
C LYS A 73 -16.26 -22.92 6.89
N LEU A 74 -15.83 -21.71 6.48
CA LEU A 74 -16.64 -20.87 5.62
C LEU A 74 -16.63 -21.36 4.18
N CYS A 75 -15.51 -21.92 3.76
CA CYS A 75 -15.25 -22.22 2.35
C CYS A 75 -14.55 -23.57 2.29
N PRO A 76 -15.31 -24.67 2.30
CA PRO A 76 -14.70 -26.00 2.38
C PRO A 76 -13.78 -26.35 1.21
N ASP A 77 -14.03 -25.80 0.02
CA ASP A 77 -13.22 -26.06 -1.18
C ASP A 77 -12.08 -25.06 -1.36
N LEU A 78 -11.79 -24.26 -0.35
CA LEU A 78 -10.74 -23.24 -0.44
C LEU A 78 -9.40 -23.88 -0.78
N LEU A 79 -8.71 -23.35 -1.79
CA LEU A 79 -7.37 -23.84 -2.10
C LEU A 79 -6.33 -22.96 -1.40
N LEU A 80 -5.18 -23.55 -1.08
CA LEU A 80 -4.18 -22.86 -0.28
C LEU A 80 -2.81 -23.00 -0.95
N ALA A 81 -2.06 -21.91 -0.96
CA ALA A 81 -0.64 -21.91 -1.32
C ALA A 81 0.14 -21.46 -0.10
N GLN A 82 1.25 -22.14 0.21
CA GLN A 82 2.04 -21.87 1.41
C GLN A 82 3.22 -20.98 1.09
N VAL A 83 3.46 -19.96 1.94
CA VAL A 83 4.68 -19.18 1.85
C VAL A 83 5.87 -20.11 2.06
N ARG A 84 6.93 -19.87 1.29
CA ARG A 84 8.18 -20.61 1.47
C ARG A 84 8.69 -20.43 2.89
N GLU A 85 9.23 -21.51 3.45
CA GLU A 85 9.89 -21.46 4.74
C GLU A 85 11.36 -21.76 4.52
N SER A 86 12.23 -20.92 5.05
CA SER A 86 13.66 -21.14 4.95
C SER A 86 14.26 -20.77 6.30
N ARG A 87 15.21 -21.60 6.75
CA ARG A 87 15.84 -21.37 8.05
C ARG A 87 14.84 -21.20 9.17
N GLY A 88 13.77 -21.97 9.09
CA GLY A 88 12.76 -21.99 10.13
C GLY A 88 11.80 -20.82 10.13
N LYS A 89 11.77 -20.02 9.07
CA LYS A 89 10.91 -18.84 9.04
C LYS A 89 10.31 -18.64 7.66
N ALA A 90 9.20 -17.92 7.65
CA ALA A 90 8.60 -17.54 6.41
C ALA A 90 9.59 -16.71 5.62
N ASN A 91 9.61 -16.92 4.31
CA ASN A 91 10.54 -16.24 3.43
C ASN A 91 9.75 -15.65 2.28
N LEU A 92 9.78 -14.32 2.17
CA LEU A 92 8.90 -13.62 1.22
C LEU A 92 9.57 -13.29 -0.10
N THR A 93 10.72 -13.92 -0.39
CA THR A 93 11.48 -13.54 -1.58
C THR A 93 10.67 -13.60 -2.87
N LYS A 94 9.84 -14.62 -3.06
CA LYS A 94 9.09 -14.73 -4.31
C LYS A 94 8.24 -13.51 -4.57
N TYR A 95 7.62 -12.97 -3.52
CA TYR A 95 6.73 -11.82 -3.64
C TYR A 95 7.50 -10.52 -3.81
N ARG A 96 8.67 -10.39 -3.15
CA ARG A 96 9.51 -9.22 -3.40
C ARG A 96 9.99 -9.18 -4.84
N GLU A 97 10.35 -10.33 -5.40
CA GLU A 97 10.81 -10.37 -6.79
C GLU A 97 9.67 -10.07 -7.75
N ALA A 98 8.46 -10.59 -7.46
CA ALA A 98 7.32 -10.26 -8.32
C ALA A 98 6.99 -8.76 -8.22
N SER A 99 7.15 -8.18 -7.04
CA SER A 99 6.97 -6.74 -6.89
C SER A 99 7.95 -5.97 -7.76
N VAL A 100 9.23 -6.37 -7.76
CA VAL A 100 10.18 -5.70 -8.64
C VAL A 100 9.74 -5.75 -10.10
N GLU A 101 9.21 -6.91 -10.56
CA GLU A 101 8.70 -6.96 -11.95
C GLU A 101 7.69 -5.84 -12.23
N VAL A 102 6.72 -5.70 -11.31
CA VAL A 102 5.68 -4.70 -11.54
C VAL A 102 6.23 -3.29 -11.44
N MET A 103 7.05 -3.02 -10.43
CA MET A 103 7.59 -1.67 -10.25
C MET A 103 8.45 -1.24 -11.43
N GLU A 104 9.26 -2.16 -11.96
CA GLU A 104 10.09 -1.81 -13.11
C GLU A 104 9.22 -1.48 -14.33
N ILE A 105 8.08 -2.16 -14.51
CA ILE A 105 7.18 -1.75 -15.59
C ILE A 105 6.61 -0.35 -15.33
N MET A 106 6.12 -0.10 -14.13
CA MET A 106 5.55 1.22 -13.85
C MET A 106 6.56 2.34 -14.05
N SER A 107 7.82 2.10 -13.67
CA SER A 107 8.82 3.15 -13.79
C SER A 107 9.14 3.54 -15.24
N ARG A 108 8.70 2.75 -16.25
CA ARG A 108 8.87 3.20 -17.63
C ARG A 108 7.97 4.39 -17.97
N PHE A 109 6.86 4.54 -17.25
CA PHE A 109 5.88 5.56 -17.54
C PHE A 109 6.09 6.83 -16.77
N ALA A 110 6.55 6.71 -15.53
CA ALA A 110 6.74 7.89 -14.71
C ALA A 110 7.51 7.49 -13.47
N VAL A 111 7.96 8.50 -12.74
CA VAL A 111 8.64 8.25 -11.48
C VAL A 111 7.64 7.75 -10.45
N ILE A 112 8.01 6.69 -9.74
CA ILE A 112 7.11 6.03 -8.81
C ILE A 112 7.65 6.21 -7.40
N GLU A 113 6.75 6.12 -6.43
CA GLU A 113 7.06 5.97 -5.01
C GLU A 113 6.59 4.61 -4.57
N ARG A 114 7.52 3.73 -4.19
CA ARG A 114 7.16 2.41 -3.69
C ARG A 114 6.52 2.54 -2.32
N ALA A 115 5.20 2.32 -2.25
CA ALA A 115 4.52 2.50 -0.98
C ALA A 115 4.32 1.23 -0.21
N SER A 116 4.33 0.08 -0.88
CA SER A 116 4.33 -1.22 -0.20
C SER A 116 4.82 -2.27 -1.19
N ILE A 117 4.89 -3.53 -0.73
CA ILE A 117 5.27 -4.58 -1.66
C ILE A 117 4.36 -4.64 -2.88
N ASP A 118 3.09 -4.17 -2.79
CA ASP A 118 2.21 -4.36 -3.94
C ASP A 118 1.61 -3.05 -4.46
N GLU A 119 2.17 -1.88 -4.10
CA GLU A 119 1.53 -0.67 -4.60
C GLU A 119 2.54 0.47 -4.67
N ALA A 120 2.28 1.35 -5.64
CA ALA A 120 3.12 2.51 -5.84
C ALA A 120 2.30 3.71 -6.26
N TYR A 121 2.75 4.88 -5.81
CA TYR A 121 2.22 6.12 -6.33
C TYR A 121 3.03 6.56 -7.53
N VAL A 122 2.34 7.26 -8.41
CA VAL A 122 2.82 7.69 -9.71
C VAL A 122 2.52 9.16 -9.83
N ASP A 123 3.53 9.98 -10.11
CA ASP A 123 3.26 11.37 -10.39
C ASP A 123 3.13 11.53 -11.91
N LEU A 124 1.90 11.72 -12.41
CA LEU A 124 1.69 11.77 -13.86
C LEU A 124 1.63 13.19 -14.45
N THR A 125 1.94 14.22 -13.67
CA THR A 125 1.71 15.59 -14.16
C THR A 125 2.45 15.85 -15.48
N SER A 126 3.73 15.51 -15.54
CA SER A 126 4.52 15.73 -16.76
C SER A 126 4.03 14.88 -17.91
N ALA A 127 3.76 13.59 -17.64
CA ALA A 127 3.30 12.69 -18.69
C ALA A 127 1.99 13.17 -19.30
N VAL A 128 1.08 13.69 -18.48
CA VAL A 128 -0.20 14.22 -18.97
CA VAL A 128 -0.17 14.15 -19.08
CA VAL A 128 -0.19 14.16 -19.04
C VAL A 128 0.02 15.45 -19.84
N GLN A 129 0.90 16.34 -19.38
CA GLN A 129 1.19 17.52 -20.18
C GLN A 129 1.70 17.13 -21.56
N GLU A 130 2.64 16.19 -21.61
CA GLU A 130 3.16 15.71 -22.89
C GLU A 130 2.04 15.12 -23.77
N ARG A 131 1.19 14.25 -23.19
CA ARG A 131 0.15 13.61 -24.00
C ARG A 131 -0.87 14.63 -24.48
N LEU A 132 -1.18 15.64 -23.66
CA LEU A 132 -2.10 16.69 -24.06
C LEU A 132 -1.52 17.55 -25.17
N GLN A 133 -0.20 17.75 -25.17
CA GLN A 133 0.41 18.51 -26.27
C GLN A 133 0.44 17.73 -27.58
N LYS A 134 0.92 16.48 -27.60
CA LYS A 134 0.84 15.81 -28.90
C LYS A 134 -0.61 15.65 -29.37
N LEU A 135 -1.54 15.56 -28.43
CA LEU A 135 -2.96 15.32 -28.70
C LEU A 135 -3.73 16.61 -28.40
N GLN A 136 -3.55 17.60 -29.28
CA GLN A 136 -4.22 18.88 -29.12
C GLN A 136 -5.59 18.87 -29.78
N GLY A 137 -6.59 19.20 -28.98
CA GLY A 137 -7.99 19.36 -29.32
C GLY A 137 -8.67 18.09 -29.70
N GLN A 138 -7.95 16.96 -29.74
CA GLN A 138 -8.61 15.73 -30.08
C GLN A 138 -9.56 15.37 -28.94
N PRO A 139 -10.70 14.77 -29.22
CA PRO A 139 -11.57 14.37 -28.11
C PRO A 139 -10.97 13.12 -27.48
N ILE A 140 -11.49 12.73 -26.32
CA ILE A 140 -11.00 11.52 -25.66
C ILE A 140 -12.10 10.50 -25.79
N SER A 141 -11.83 9.43 -26.53
CA SER A 141 -12.84 8.38 -26.73
C SER A 141 -12.99 7.53 -25.47
N ALA A 142 -14.23 7.12 -25.19
CA ALA A 142 -14.48 6.18 -24.11
C ALA A 142 -13.72 4.87 -24.32
N ASP A 143 -13.39 4.55 -25.57
CA ASP A 143 -12.62 3.34 -25.86
C ASP A 143 -11.22 3.40 -25.27
N LEU A 144 -10.72 4.60 -24.94
CA LEU A 144 -9.43 4.71 -24.29
C LEU A 144 -9.54 4.49 -22.78
N LEU A 145 -10.75 4.34 -22.24
CA LEU A 145 -10.99 4.19 -20.80
C LEU A 145 -11.87 2.98 -20.52
N PRO A 146 -11.46 1.79 -20.96
CA PRO A 146 -12.36 0.64 -20.90
C PRO A 146 -12.58 0.06 -19.51
N SER A 147 -11.77 0.43 -18.51
CA SER A 147 -11.94 -0.09 -17.17
C SER A 147 -12.04 1.01 -16.13
N THR A 148 -12.39 2.24 -16.53
CA THR A 148 -12.36 3.42 -15.66
C THR A 148 -13.77 3.72 -15.13
N TYR A 149 -13.87 3.97 -13.81
CA TYR A 149 -15.08 4.50 -13.18
C TYR A 149 -14.87 5.95 -12.88
N ILE A 150 -15.91 6.76 -13.08
CA ILE A 150 -15.86 8.16 -12.66
C ILE A 150 -16.68 8.29 -11.38
N GLU A 151 -16.01 8.50 -10.24
CA GLU A 151 -16.71 8.52 -8.95
C GLU A 151 -17.74 9.66 -8.92
N GLY A 152 -18.96 9.32 -8.50
CA GLY A 152 -20.04 10.29 -8.46
C GLY A 152 -20.98 10.25 -9.65
N LEU A 153 -20.62 9.54 -10.69
CA LEU A 153 -21.42 9.45 -11.88
C LEU A 153 -21.78 7.99 -12.16
N PRO A 154 -22.91 7.72 -12.82
CA PRO A 154 -23.83 8.74 -13.37
C PRO A 154 -24.71 9.39 -12.30
N GLN A 155 -25.24 10.57 -12.57
CA GLN A 155 -26.17 11.24 -11.66
C GLN A 155 -27.25 11.83 -12.55
N GLY A 156 -28.48 11.89 -12.02
CA GLY A 156 -29.62 12.46 -12.72
C GLY A 156 -30.43 11.41 -13.47
N PRO A 157 -31.03 11.77 -14.63
CA PRO A 157 -31.71 10.79 -15.49
C PRO A 157 -30.75 9.85 -16.23
N GLU A 161 -32.38 2.10 -18.80
CA GLU A 161 -32.79 0.78 -18.32
C GLU A 161 -31.60 -0.17 -18.12
N GLU A 162 -30.60 -0.07 -19.01
CA GLU A 162 -29.37 -0.85 -18.89
C GLU A 162 -28.60 -0.51 -17.61
N THR A 163 -28.98 0.57 -16.92
CA THR A 163 -28.39 0.95 -15.65
C THR A 163 -28.84 0.03 -14.53
N VAL A 164 -28.99 -1.26 -14.81
CA VAL A 164 -29.21 -2.25 -13.77
C VAL A 164 -28.03 -3.18 -13.57
N GLN A 165 -27.11 -3.28 -14.53
CA GLN A 165 -25.88 -4.04 -14.37
C GLN A 165 -24.70 -3.08 -14.21
N LYS A 166 -23.62 -3.57 -13.60
CA LYS A 166 -22.59 -2.63 -13.16
C LYS A 166 -21.84 -2.03 -14.35
N GLU A 167 -21.61 -2.82 -15.41
CA GLU A 167 -20.88 -2.28 -16.56
C GLU A 167 -21.71 -1.21 -17.27
N GLY A 168 -23.03 -1.40 -17.35
CA GLY A 168 -23.87 -0.36 -17.91
C GLY A 168 -23.79 0.92 -17.10
N MET A 169 -23.78 0.79 -15.77
CA MET A 169 -23.61 1.98 -14.94
C MET A 169 -22.24 2.62 -15.16
N ARG A 170 -21.18 1.81 -15.23
CA ARG A 170 -19.84 2.36 -15.47
C ARG A 170 -19.83 3.18 -16.74
N LYS A 171 -20.35 2.61 -17.83
CA LYS A 171 -20.31 3.35 -19.10
C LYS A 171 -21.17 4.59 -19.06
N GLN A 172 -22.34 4.54 -18.42
CA GLN A 172 -23.16 5.75 -18.40
C GLN A 172 -22.45 6.86 -17.65
N GLY A 173 -21.80 6.53 -16.52
CA GLY A 173 -21.04 7.53 -15.79
C GLY A 173 -19.91 8.11 -16.63
N LEU A 174 -19.17 7.22 -17.33
CA LEU A 174 -18.07 7.66 -18.17
C LEU A 174 -18.56 8.56 -19.29
N PHE A 175 -19.72 8.23 -19.87
CA PHE A 175 -20.29 9.02 -20.94
C PHE A 175 -20.64 10.43 -20.44
N GLN A 176 -21.27 10.53 -19.26
CA GLN A 176 -21.58 11.87 -18.71
C GLN A 176 -20.30 12.68 -18.52
N TRP A 177 -19.26 12.05 -17.96
CA TRP A 177 -18.00 12.76 -17.72
C TRP A 177 -17.40 13.28 -19.03
N LEU A 178 -17.26 12.39 -20.02
CA LEU A 178 -16.61 12.81 -21.26
C LEU A 178 -17.46 13.83 -22.01
N ASP A 179 -18.77 13.68 -21.96
CA ASP A 179 -19.62 14.67 -22.61
C ASP A 179 -19.46 16.04 -21.97
N SER A 180 -19.09 16.09 -20.70
CA SER A 180 -18.91 17.37 -20.03
C SER A 180 -17.50 17.95 -20.11
N LEU A 181 -16.53 17.26 -20.71
N LEU A 181 -16.56 17.21 -20.71
CA LEU A 181 -15.16 17.77 -20.69
CA LEU A 181 -15.23 17.70 -21.07
C LEU A 181 -15.01 18.98 -21.60
C LEU A 181 -15.21 18.23 -22.50
N GLN A 182 -14.14 19.91 -21.19
N GLN A 182 -15.62 17.37 -23.45
CA GLN A 182 -13.71 21.00 -22.06
CA GLN A 182 -15.69 17.74 -24.86
C GLN A 182 -12.34 20.63 -22.63
C GLN A 182 -16.50 19.01 -25.08
N ILE A 183 -12.35 20.00 -23.80
N ILE A 183 -17.57 19.20 -24.29
CA ILE A 183 -11.14 19.35 -24.31
CA ILE A 183 -18.40 20.39 -24.40
C ILE A 183 -10.16 20.31 -24.96
C ILE A 183 -17.87 21.56 -23.59
N ASP A 184 -10.55 21.55 -25.20
N ASP A 184 -16.74 21.37 -22.89
CA ASP A 184 -9.64 22.53 -25.79
CA ASP A 184 -15.98 22.40 -22.14
C ASP A 184 -8.98 23.40 -24.75
C ASP A 184 -16.63 22.75 -20.81
N ASN A 185 -8.98 22.96 -23.51
N ASN A 185 -17.58 21.96 -20.32
CA ASN A 185 -8.42 23.73 -22.41
CA ASN A 185 -18.19 22.20 -19.02
C ASN A 185 -7.27 22.92 -21.81
C ASN A 185 -17.36 21.72 -17.83
N LEU A 186 -6.05 23.22 -22.22
N LEU A 186 -16.29 20.96 -18.06
CA LEU A 186 -4.90 22.42 -21.80
CA LEU A 186 -15.34 20.60 -17.01
C LEU A 186 -4.64 22.48 -20.31
C LEU A 186 -14.06 21.40 -17.17
N THR A 187 -5.10 23.52 -19.60
N THR A 187 -13.36 21.58 -16.06
CA THR A 187 -4.88 23.60 -18.16
CA THR A 187 -12.17 22.40 -15.98
C THR A 187 -6.09 23.15 -17.34
C THR A 187 -10.96 21.72 -16.61
N SER A 188 -7.08 22.53 -17.97
N SER A 188 -9.90 22.50 -16.78
CA SER A 188 -8.26 22.06 -17.25
CA SER A 188 -8.63 21.95 -17.25
C SER A 188 -7.89 20.92 -16.31
C SER A 188 -8.05 20.90 -16.32
N PRO A 189 -8.08 21.06 -14.99
CA PRO A 189 -7.78 19.91 -14.11
C PRO A 189 -8.56 18.65 -14.43
N ASP A 190 -9.84 18.76 -14.78
CA ASP A 190 -10.61 17.56 -15.10
C ASP A 190 -10.06 16.88 -16.34
N LEU A 191 -9.65 17.66 -17.34
CA LEU A 191 -9.04 17.08 -18.52
C LEU A 191 -7.70 16.43 -18.17
N GLN A 192 -6.92 17.07 -17.31
CA GLN A 192 -5.65 16.48 -16.91
C GLN A 192 -5.86 15.14 -16.22
N LEU A 193 -6.83 15.06 -15.31
CA LEU A 193 -7.13 13.75 -14.69
C LEU A 193 -7.57 12.72 -15.71
N THR A 194 -8.37 13.12 -16.71
CA THR A 194 -8.83 12.16 -17.71
C THR A 194 -7.66 11.59 -18.52
N VAL A 195 -6.74 12.45 -18.94
CA VAL A 195 -5.55 11.98 -19.64
C VAL A 195 -4.68 11.12 -18.74
N GLY A 196 -4.60 11.49 -17.45
CA GLY A 196 -3.92 10.62 -16.49
C GLY A 196 -4.53 9.23 -16.45
N ALA A 197 -5.85 9.16 -16.47
CA ALA A 197 -6.54 7.87 -16.48
C ALA A 197 -6.23 7.10 -17.76
N VAL A 198 -6.13 7.78 -18.90
CA VAL A 198 -5.74 7.09 -20.14
C VAL A 198 -4.36 6.43 -19.99
N ILE A 199 -3.40 7.19 -19.47
CA ILE A 199 -2.05 6.65 -19.24
C ILE A 199 -2.10 5.48 -18.26
N VAL A 200 -2.90 5.58 -17.19
CA VAL A 200 -2.97 4.49 -16.22
C VAL A 200 -3.62 3.25 -16.84
N GLU A 201 -4.60 3.42 -17.75
CA GLU A 201 -5.07 2.24 -18.48
C GLU A 201 -3.92 1.57 -19.22
N GLU A 202 -3.08 2.38 -19.87
CA GLU A 202 -1.94 1.83 -20.61
C GLU A 202 -0.95 1.14 -19.67
N MET A 203 -0.67 1.76 -18.53
CA MET A 203 0.23 1.18 -17.56
C MET A 203 -0.28 -0.15 -17.07
N ARG A 204 -1.58 -0.20 -16.74
CA ARG A 204 -2.17 -1.44 -16.21
C ARG A 204 -2.19 -2.54 -17.29
N ALA A 205 -2.43 -2.14 -18.54
CA ALA A 205 -2.37 -3.12 -19.63
C ALA A 205 -0.97 -3.69 -19.78
N ALA A 206 0.04 -2.84 -19.66
CA ALA A 206 1.43 -3.32 -19.75
C ALA A 206 1.77 -4.25 -18.60
N ILE A 207 1.36 -3.89 -17.38
CA ILE A 207 1.60 -4.78 -16.24
C ILE A 207 0.98 -6.14 -16.49
N GLU A 208 -0.27 -6.15 -16.91
CA GLU A 208 -0.94 -7.43 -17.10
C GLU A 208 -0.32 -8.22 -18.23
N ARG A 209 -0.02 -7.52 -19.34
CA ARG A 209 0.62 -8.19 -20.49
C ARG A 209 1.93 -8.83 -20.13
N GLU A 210 2.77 -8.13 -19.37
CA GLU A 210 4.16 -8.52 -19.17
C GLU A 210 4.37 -9.34 -17.91
N THR A 211 3.40 -9.38 -16.99
CA THR A 211 3.55 -10.21 -15.80
C THR A 211 2.44 -11.19 -15.60
N GLY A 212 1.27 -11.00 -16.21
CA GLY A 212 0.10 -11.79 -15.89
C GLY A 212 -0.71 -11.25 -14.71
N PHE A 213 -0.23 -10.23 -14.02
CA PHE A 213 -0.89 -9.77 -12.81
C PHE A 213 -1.88 -8.64 -13.12
N GLN A 214 -3.06 -8.70 -12.50
CA GLN A 214 -4.05 -7.63 -12.58
C GLN A 214 -3.91 -6.68 -11.39
N CYS A 215 -4.37 -5.45 -11.59
CA CYS A 215 -4.26 -4.47 -10.53
C CYS A 215 -5.42 -3.49 -10.66
N SER A 216 -5.58 -2.69 -9.63
CA SER A 216 -6.56 -1.61 -9.64
C SER A 216 -5.80 -0.30 -9.47
N ALA A 217 -6.46 0.82 -9.75
CA ALA A 217 -5.75 2.09 -9.59
C ALA A 217 -6.74 3.21 -9.27
N GLY A 218 -6.24 4.23 -8.58
CA GLY A 218 -6.96 5.48 -8.41
C GLY A 218 -6.18 6.60 -9.08
N ILE A 219 -6.92 7.53 -9.69
CA ILE A 219 -6.34 8.72 -10.33
C ILE A 219 -7.02 9.94 -9.71
N SER A 220 -6.24 10.85 -9.14
CA SER A 220 -6.81 12.07 -8.57
C SER A 220 -5.68 13.11 -8.55
N HIS A 221 -5.81 14.12 -7.68
CA HIS A 221 -4.83 15.22 -7.63
C HIS A 221 -3.79 15.08 -6.53
N ASN A 222 -3.88 14.05 -5.69
CA ASN A 222 -2.91 13.89 -4.60
C ASN A 222 -2.95 12.42 -4.18
N LYS A 223 -2.04 12.06 -3.26
CA LYS A 223 -1.88 10.65 -2.90
C LYS A 223 -3.06 10.12 -2.08
N VAL A 224 -3.59 10.91 -1.13
CA VAL A 224 -4.68 10.43 -0.30
C VAL A 224 -5.91 10.13 -1.16
N LEU A 225 -6.25 11.05 -2.08
CA LEU A 225 -7.42 10.81 -2.92
C LEU A 225 -7.15 9.68 -3.91
N ALA A 226 -5.91 9.56 -4.42
CA ALA A 226 -5.66 8.44 -5.34
C ALA A 226 -5.78 7.09 -4.64
N LYS A 227 -5.27 6.99 -3.40
CA LYS A 227 -5.38 5.74 -2.63
C LYS A 227 -6.85 5.41 -2.33
N LEU A 228 -7.60 6.40 -1.87
CA LEU A 228 -9.01 6.19 -1.62
C LEU A 228 -9.73 5.75 -2.89
N ALA A 229 -9.45 6.42 -4.02
CA ALA A 229 -10.08 6.09 -5.29
C ALA A 229 -9.79 4.66 -5.71
N CYS A 230 -8.55 4.21 -5.51
CA CYS A 230 -8.16 2.89 -5.97
C CYS A 230 -9.07 1.80 -5.38
N GLY A 231 -9.39 1.90 -4.10
CA GLY A 231 -10.21 0.88 -3.47
C GLY A 231 -11.68 0.92 -3.84
N LEU A 232 -12.15 1.99 -4.49
CA LEU A 232 -13.58 2.13 -4.74
C LEU A 232 -14.14 1.07 -5.69
N ASN A 233 -13.33 0.55 -6.64
CA ASN A 233 -13.86 -0.38 -7.63
C ASN A 233 -12.97 -1.61 -7.90
N LYS A 234 -12.16 -2.01 -6.94
CA LYS A 234 -11.43 -3.27 -6.99
C LYS A 234 -12.38 -4.46 -7.14
N PRO A 235 -11.97 -5.53 -7.87
CA PRO A 235 -10.66 -5.68 -8.51
C PRO A 235 -10.68 -5.34 -10.00
N ASN A 236 -9.48 -5.20 -10.58
CA ASN A 236 -9.30 -5.09 -12.03
C ASN A 236 -10.00 -3.87 -12.64
N ARG A 237 -10.10 -2.76 -11.91
CA ARG A 237 -10.74 -1.54 -12.42
C ARG A 237 -9.97 -0.35 -11.87
N GLN A 238 -10.14 0.82 -12.50
CA GLN A 238 -9.53 2.03 -11.99
C GLN A 238 -10.58 3.12 -11.82
N THR A 239 -10.33 4.05 -10.89
CA THR A 239 -11.36 5.03 -10.51
C THR A 239 -10.74 6.41 -10.52
N LEU A 240 -11.42 7.35 -11.18
CA LEU A 240 -11.03 8.75 -11.23
C LEU A 240 -11.86 9.51 -10.20
N VAL A 241 -11.18 10.18 -9.26
CA VAL A 241 -11.83 11.03 -8.26
C VAL A 241 -11.45 12.46 -8.58
N SER A 242 -12.41 13.24 -9.07
CA SER A 242 -12.13 14.62 -9.44
C SER A 242 -12.22 15.52 -8.21
N HIS A 243 -11.68 16.73 -8.33
CA HIS A 243 -11.84 17.64 -7.20
C HIS A 243 -13.31 17.88 -6.91
N GLY A 244 -14.11 18.03 -7.97
CA GLY A 244 -15.53 18.30 -7.79
C GLY A 244 -16.30 17.17 -7.12
N SER A 245 -15.80 15.93 -7.22
CA SER A 245 -16.48 14.81 -6.58
C SER A 245 -16.30 14.79 -5.08
N VAL A 246 -15.39 15.60 -4.55
CA VAL A 246 -15.01 15.44 -3.15
C VAL A 246 -16.14 15.75 -2.16
N PRO A 247 -16.89 16.84 -2.28
CA PRO A 247 -17.94 17.10 -1.27
C PRO A 247 -18.92 15.94 -1.07
N GLN A 248 -19.47 15.39 -2.16
CA GLN A 248 -20.42 14.30 -1.95
C GLN A 248 -19.71 13.05 -1.44
N LEU A 249 -18.54 12.74 -2.00
CA LEU A 249 -17.81 11.53 -1.58
C LEU A 249 -17.49 11.61 -0.08
N PHE A 250 -17.05 12.78 0.37
CA PHE A 250 -16.66 12.90 1.76
C PHE A 250 -17.84 13.03 2.69
N SER A 251 -19.04 13.34 2.16
CA SER A 251 -20.17 13.63 3.04
C SER A 251 -20.61 12.40 3.82
N GLN A 252 -20.32 11.20 3.32
CA GLN A 252 -20.69 9.97 4.03
C GLN A 252 -19.47 9.07 4.22
N MET A 253 -18.26 9.64 4.14
CA MET A 253 -17.04 8.85 4.18
C MET A 253 -16.56 8.78 5.62
N PRO A 254 -16.56 7.60 6.26
CA PRO A 254 -16.04 7.52 7.64
C PRO A 254 -14.61 8.03 7.67
N ILE A 255 -14.30 8.80 8.72
CA ILE A 255 -12.96 9.36 8.88
C ILE A 255 -11.89 8.28 8.80
N ARG A 256 -12.17 7.09 9.34
CA ARG A 256 -11.12 6.09 9.39
C ARG A 256 -10.70 5.61 8.01
N LYS A 257 -11.46 5.89 6.95
CA LYS A 257 -11.09 5.38 5.63
C LYS A 257 -9.98 6.17 4.95
N ILE A 258 -9.63 7.37 5.45
CA ILE A 258 -8.60 8.22 4.83
C ILE A 258 -7.27 7.80 5.39
N ARG A 259 -6.30 7.59 4.51
CA ARG A 259 -4.98 7.13 4.93
C ARG A 259 -4.38 8.05 5.99
N SER A 260 -3.87 7.44 7.07
CA SER A 260 -3.28 8.03 8.28
C SER A 260 -4.32 8.26 9.38
N LEU A 261 -5.61 8.15 9.08
CA LEU A 261 -6.66 8.38 10.07
C LEU A 261 -7.29 7.07 10.55
N GLY A 262 -6.71 5.92 10.18
CA GLY A 262 -7.29 4.66 10.58
C GLY A 262 -6.94 4.23 12.00
N GLY A 263 -6.16 5.00 12.75
CA GLY A 263 -5.78 4.61 14.10
C GLY A 263 -6.20 5.61 15.16
N LYS A 264 -5.30 5.87 16.12
CA LYS A 264 -5.68 6.68 17.27
C LYS A 264 -6.03 8.12 16.91
N LEU A 265 -5.30 8.73 15.96
CA LEU A 265 -5.62 10.11 15.59
C LEU A 265 -7.02 10.22 15.05
N GLY A 266 -7.40 9.32 14.12
CA GLY A 266 -8.76 9.37 13.59
C GLY A 266 -9.80 9.15 14.67
N ALA A 267 -9.51 8.22 15.60
CA ALA A 267 -10.41 8.00 16.71
C ALA A 267 -10.57 9.26 17.53
N SER A 268 -9.47 10.00 17.75
CA SER A 268 -9.54 11.23 18.53
C SER A 268 -10.33 12.30 17.81
N VAL A 269 -10.14 12.43 16.48
CA VAL A 269 -10.94 13.38 15.70
C VAL A 269 -12.43 13.10 15.92
N ILE A 270 -12.81 11.82 15.81
CA ILE A 270 -14.22 11.45 15.97
C ILE A 270 -14.69 11.82 17.37
N GLU A 271 -13.90 11.46 18.41
CA GLU A 271 -14.38 11.61 19.77
C GLU A 271 -14.38 13.06 20.23
N ILE A 272 -13.30 13.79 19.93
CA ILE A 272 -13.20 15.17 20.39
C ILE A 272 -14.18 16.07 19.65
N LEU A 273 -14.34 15.87 18.34
CA LEU A 273 -15.21 16.76 17.57
C LEU A 273 -16.65 16.27 17.52
N GLY A 274 -16.90 15.01 17.86
CA GLY A 274 -18.27 14.49 17.81
C GLY A 274 -18.81 14.39 16.41
N ILE A 275 -17.98 13.96 15.45
CA ILE A 275 -18.35 13.84 14.03
C ILE A 275 -18.04 12.43 13.57
N GLU A 276 -18.54 12.05 12.38
CA GLU A 276 -18.27 10.72 11.85
C GLU A 276 -17.60 10.73 10.48
N TYR A 277 -17.89 11.74 9.67
CA TYR A 277 -17.53 11.72 8.25
C TYR A 277 -16.52 12.80 7.93
N MET A 278 -15.70 12.51 6.92
CA MET A 278 -14.61 13.40 6.56
C MET A 278 -15.11 14.80 6.22
N GLY A 279 -16.22 14.90 5.50
CA GLY A 279 -16.75 16.21 5.10
C GLY A 279 -17.10 17.09 6.28
N GLU A 280 -17.53 16.49 7.42
CA GLU A 280 -17.90 17.29 8.56
C GLU A 280 -16.74 18.13 9.07
N LEU A 281 -15.51 17.73 8.72
CA LEU A 281 -14.36 18.53 9.17
C LEU A 281 -14.35 19.94 8.62
N THR A 282 -15.06 20.21 7.51
CA THR A 282 -15.00 21.54 6.93
C THR A 282 -15.57 22.60 7.86
N GLN A 283 -16.34 22.21 8.88
CA GLN A 283 -16.99 23.21 9.71
CA GLN A 283 -16.99 23.18 9.74
C GLN A 283 -16.10 23.71 10.85
N PHE A 284 -14.81 23.37 10.84
CA PHE A 284 -13.87 23.82 11.87
C PHE A 284 -12.82 24.72 11.23
N THR A 285 -12.41 25.76 11.95
CA THR A 285 -11.31 26.57 11.45
C THR A 285 -10.00 25.81 11.53
N GLU A 286 -9.04 26.29 10.75
CA GLU A 286 -7.71 25.68 10.80
C GLU A 286 -7.14 25.77 12.22
N SER A 287 -7.33 26.91 12.89
CA SER A 287 -6.81 27.04 14.25
C SER A 287 -7.50 26.08 15.22
N GLN A 288 -8.81 25.86 15.08
CA GLN A 288 -9.46 24.88 15.95
C GLN A 288 -8.85 23.49 15.78
N LEU A 289 -8.64 23.09 14.52
CA LEU A 289 -8.07 21.77 14.28
C LEU A 289 -6.64 21.69 14.80
N GLN A 290 -5.85 22.75 14.61
CA GLN A 290 -4.51 22.74 15.16
C GLN A 290 -4.54 22.68 16.69
N SER A 291 -5.55 23.31 17.29
CA SER A 291 -5.68 23.32 18.74
CA SER A 291 -5.63 23.31 18.74
C SER A 291 -5.88 21.91 19.27
N HIS A 292 -6.66 21.12 18.57
CA HIS A 292 -6.91 19.78 19.06
C HIS A 292 -5.80 18.77 18.66
N PHE A 293 -5.28 18.87 17.45
CA PHE A 293 -4.50 17.77 16.87
C PHE A 293 -3.06 18.16 16.58
N GLY A 294 -2.65 19.38 16.94
CA GLY A 294 -1.32 19.86 16.65
C GLY A 294 -1.28 20.66 15.36
N GLU A 295 -0.24 21.48 15.24
CA GLU A 295 -0.07 22.38 14.10
C GLU A 295 -0.06 21.61 12.78
N LYS A 296 0.75 20.56 12.71
CA LYS A 296 0.91 19.81 11.47
C LYS A 296 -0.37 19.06 11.11
N ASN A 297 -0.87 18.27 12.06
CA ASN A 297 -2.09 17.50 11.81
C ASN A 297 -3.27 18.43 11.54
N GLY A 298 -3.34 19.56 12.24
CA GLY A 298 -4.46 20.46 12.05
C GLY A 298 -4.49 21.07 10.67
N SER A 299 -3.33 21.55 10.19
CA SER A 299 -3.27 22.07 8.84
C SER A 299 -3.56 20.98 7.81
N TRP A 300 -3.03 19.77 8.02
CA TRP A 300 -3.28 18.67 7.10
C TRP A 300 -4.76 18.34 7.02
N LEU A 301 -5.45 18.28 8.18
CA LEU A 301 -6.88 17.98 8.20
C LEU A 301 -7.69 19.07 7.54
N TYR A 302 -7.33 20.32 7.81
CA TYR A 302 -8.08 21.44 7.23
C TYR A 302 -8.05 21.35 5.71
N ALA A 303 -6.87 21.08 5.15
CA ALA A 303 -6.80 20.96 3.69
C ALA A 303 -7.43 19.65 3.20
N MET A 304 -7.19 18.55 3.90
CA MET A 304 -7.59 17.25 3.38
C MET A 304 -9.10 17.13 3.28
N CYS A 305 -9.83 17.68 4.27
CA CYS A 305 -11.29 17.54 4.20
C CYS A 305 -11.88 18.32 3.01
N ARG A 306 -11.11 19.22 2.38
CA ARG A 306 -11.48 19.90 1.15
C ARG A 306 -10.89 19.24 -0.10
N GLY A 307 -10.27 18.08 0.06
CA GLY A 307 -9.67 17.39 -1.06
C GLY A 307 -8.27 17.84 -1.41
N ILE A 308 -7.60 18.57 -0.52
CA ILE A 308 -6.30 19.18 -0.83
C ILE A 308 -5.24 18.53 0.05
N GLU A 309 -4.14 18.10 -0.56
CA GLU A 309 -3.01 17.52 0.15
C GLU A 309 -1.76 17.76 -0.69
N HIS A 310 -0.60 18.02 -0.07
CA HIS A 310 0.60 18.38 -0.83
C HIS A 310 1.74 17.38 -0.79
N ASP A 311 1.61 16.30 -0.03
CA ASP A 311 2.66 15.31 0.13
C ASP A 311 3.17 14.86 -1.24
N PRO A 312 4.45 15.06 -1.56
CA PRO A 312 4.92 14.74 -2.91
C PRO A 312 5.09 13.23 -3.11
N VAL A 313 4.96 12.82 -4.37
CA VAL A 313 5.35 11.46 -4.77
C VAL A 313 6.88 11.43 -4.72
N LYS A 314 7.38 10.70 -3.75
CA LYS A 314 8.84 10.64 -3.53
C LYS A 314 9.50 9.80 -4.65
N PRO A 315 10.61 10.26 -5.28
CA PRO A 315 11.30 9.42 -6.25
C PRO A 315 12.05 8.31 -5.55
N ARG A 316 11.37 7.20 -5.27
CA ARG A 316 12.01 6.10 -4.56
C ARG A 316 11.35 4.79 -4.94
N GLN A 317 12.08 3.96 -5.68
CA GLN A 317 11.57 2.69 -6.14
C GLN A 317 12.00 1.53 -5.26
N LEU A 318 13.01 1.72 -4.49
CA LEU A 318 13.62 0.68 -3.69
C LEU A 318 13.31 0.90 -2.22
N PRO A 319 13.13 -0.16 -1.45
CA PRO A 319 13.02 -0.01 0.01
C PRO A 319 14.25 0.67 0.57
N LYS A 320 14.07 1.42 1.67
CA LYS A 320 15.15 2.12 2.35
C LYS A 320 15.75 1.30 3.49
N THR A 321 15.12 0.20 3.84
CA THR A 321 15.59 -0.69 4.89
C THR A 321 15.37 -2.11 4.39
N ILE A 322 16.14 -3.04 4.93
CA ILE A 322 15.99 -4.45 4.60
C ILE A 322 15.97 -5.21 5.93
N GLY A 323 14.83 -5.81 6.28
CA GLY A 323 14.67 -6.41 7.59
C GLY A 323 14.15 -7.83 7.52
N CYS A 324 14.38 -8.55 8.63
CA CYS A 324 13.96 -9.94 8.86
CA CYS A 324 13.88 -9.91 8.84
C CYS A 324 13.42 -10.04 10.28
N SER A 325 12.24 -10.60 10.47
CA SER A 325 11.60 -10.65 11.78
C SER A 325 10.89 -11.97 11.97
N LYS A 326 10.88 -12.45 13.20
CA LYS A 326 10.10 -13.62 13.54
C LYS A 326 9.54 -13.50 14.94
N ASN A 327 8.22 -13.80 15.05
CA ASN A 327 7.52 -13.91 16.33
C ASN A 327 7.65 -15.33 16.90
N PHE A 328 7.61 -15.42 18.23
CA PHE A 328 7.70 -16.68 18.94
C PHE A 328 6.57 -16.69 19.95
N PRO A 329 5.35 -16.99 19.48
CA PRO A 329 4.17 -16.82 20.32
C PRO A 329 3.97 -17.93 21.34
N GLY A 330 3.27 -17.55 22.40
CA GLY A 330 2.82 -18.41 23.47
C GLY A 330 3.91 -19.25 24.08
N LYS A 331 3.76 -20.57 23.94
CA LYS A 331 4.70 -21.49 24.56
C LYS A 331 6.03 -21.50 23.83
N THR A 332 6.07 -21.09 22.56
CA THR A 332 7.31 -21.14 21.80
C THR A 332 8.27 -19.98 22.10
N ALA A 333 7.94 -19.08 23.03
CA ALA A 333 8.82 -17.95 23.32
C ALA A 333 10.22 -18.43 23.70
N LEU A 334 11.24 -17.62 23.38
CA LEU A 334 12.63 -18.07 23.50
C LEU A 334 13.12 -17.83 24.93
N ALA A 335 13.50 -18.93 25.60
CA ALA A 335 13.81 -18.90 27.02
C ALA A 335 15.24 -19.30 27.40
N THR A 336 16.09 -19.64 26.44
CA THR A 336 17.48 -20.00 26.71
C THR A 336 18.39 -19.15 25.84
N ARG A 337 19.62 -18.96 26.31
CA ARG A 337 20.59 -18.18 25.53
C ARG A 337 20.93 -18.85 24.20
N GLU A 338 21.07 -20.19 24.20
CA GLU A 338 21.30 -20.92 22.95
C GLU A 338 20.20 -20.67 21.93
N GLN A 339 18.94 -20.68 22.38
CA GLN A 339 17.80 -20.45 21.50
C GLN A 339 17.89 -19.08 20.85
N VAL A 340 18.07 -18.04 21.69
CA VAL A 340 18.14 -16.67 21.21
C VAL A 340 19.25 -16.54 20.18
N GLN A 341 20.42 -17.15 20.46
CA GLN A 341 21.55 -17.04 19.54
C GLN A 341 21.31 -17.79 18.24
N TRP A 342 20.67 -18.97 18.31
CA TRP A 342 20.41 -19.72 17.09
C TRP A 342 19.44 -18.96 16.17
N TRP A 343 18.40 -18.36 16.74
CA TRP A 343 17.44 -17.66 15.89
C TRP A 343 18.02 -16.36 15.37
N LEU A 344 18.85 -15.68 16.18
CA LEU A 344 19.53 -14.50 15.64
C LEU A 344 20.38 -14.90 14.45
N LEU A 345 21.02 -16.08 14.51
CA LEU A 345 21.79 -16.51 13.36
C LEU A 345 20.90 -16.80 12.15
N GLN A 346 19.75 -17.43 12.37
CA GLN A 346 18.86 -17.71 11.23
C GLN A 346 18.44 -16.40 10.54
N LEU A 347 17.99 -15.43 11.34
CA LEU A 347 17.60 -14.13 10.80
C LEU A 347 18.76 -13.46 10.10
N ALA A 348 19.94 -13.53 10.70
CA ALA A 348 21.11 -12.89 10.14
C ALA A 348 21.55 -13.52 8.84
N GLN A 349 21.36 -14.84 8.69
CA GLN A 349 21.71 -15.50 7.43
C GLN A 349 20.76 -15.10 6.30
N GLU A 350 19.45 -15.04 6.59
CA GLU A 350 18.55 -14.51 5.55
C GLU A 350 18.92 -13.08 5.20
N LEU A 351 19.20 -12.25 6.22
CA LEU A 351 19.55 -10.85 6.00
C LEU A 351 20.81 -10.71 5.14
N GLU A 352 21.83 -11.51 5.42
CA GLU A 352 23.04 -11.46 4.61
C GLU A 352 22.75 -11.79 3.16
N GLU A 353 21.92 -12.81 2.91
CA GLU A 353 21.58 -13.14 1.53
C GLU A 353 20.90 -11.95 0.85
N ARG A 354 19.94 -11.34 1.53
CA ARG A 354 19.19 -10.25 0.91
C ARG A 354 20.08 -9.03 0.71
N LEU A 355 21.01 -8.78 1.64
CA LEU A 355 21.89 -7.63 1.54
C LEU A 355 22.91 -7.80 0.44
N THR A 356 23.51 -9.00 0.31
CA THR A 356 24.47 -9.22 -0.76
C THR A 356 23.80 -9.04 -2.12
N LYS A 357 22.59 -9.60 -2.28
CA LYS A 357 21.88 -9.37 -3.53
C LYS A 357 21.58 -7.89 -3.72
N ASP A 358 21.15 -7.20 -2.66
CA ASP A 358 20.84 -5.79 -2.79
C ASP A 358 22.07 -4.99 -3.21
N ARG A 359 23.24 -5.30 -2.65
CA ARG A 359 24.45 -4.56 -3.00
C ARG A 359 24.79 -4.78 -4.48
N ASN A 360 24.67 -6.02 -4.96
CA ASN A 360 24.95 -6.27 -6.38
C ASN A 360 23.94 -5.60 -7.30
N ASP A 361 22.66 -5.58 -6.89
CA ASP A 361 21.63 -5.08 -7.80
C ASP A 361 21.61 -3.56 -7.82
N ASN A 362 21.84 -2.92 -6.68
CA ASN A 362 21.44 -1.54 -6.48
C ASN A 362 22.59 -0.62 -6.09
N ASP A 363 23.84 -1.11 -6.07
CA ASP A 363 25.02 -0.24 -5.89
C ASP A 363 24.95 0.56 -4.59
N ARG A 364 24.69 -0.12 -3.48
CA ARG A 364 24.58 0.54 -2.19
C ARG A 364 24.92 -0.48 -1.12
N VAL A 365 25.30 0.00 0.07
CA VAL A 365 25.61 -0.83 1.23
C VAL A 365 24.92 -0.26 2.45
N ALA A 366 24.36 -1.13 3.28
CA ALA A 366 23.80 -0.69 4.53
C ALA A 366 24.93 -0.52 5.54
N THR A 367 24.77 0.47 6.42
CA THR A 367 25.81 0.79 7.38
C THR A 367 25.40 0.67 8.83
N GLN A 368 24.12 0.46 9.12
CA GLN A 368 23.65 0.34 10.48
C GLN A 368 22.78 -0.89 10.62
N LEU A 369 22.92 -1.61 11.74
CA LEU A 369 22.09 -2.77 12.04
C LEU A 369 21.23 -2.38 13.23
N VAL A 370 19.93 -2.49 13.08
CA VAL A 370 18.99 -2.25 14.17
C VAL A 370 18.47 -3.59 14.65
N VAL A 371 18.53 -3.82 15.96
CA VAL A 371 18.02 -5.05 16.55
C VAL A 371 16.88 -4.68 17.50
N SER A 372 15.76 -5.36 17.32
CA SER A 372 14.55 -5.13 18.09
C SER A 372 14.08 -6.45 18.65
N ILE A 373 13.52 -6.40 19.86
CA ILE A 373 12.97 -7.59 20.52
C ILE A 373 11.66 -7.18 21.19
N ARG A 374 10.82 -8.20 21.43
CA ARG A 374 9.63 -8.10 22.28
C ARG A 374 9.78 -9.11 23.41
N VAL A 375 9.45 -8.66 24.63
CA VAL A 375 9.44 -9.51 25.82
C VAL A 375 8.02 -10.00 26.07
N GLN A 376 7.92 -11.23 26.56
CA GLN A 376 6.63 -11.84 26.80
C GLN A 376 5.79 -11.02 27.77
N GLY A 377 4.56 -10.74 27.35
CA GLY A 377 3.57 -9.95 28.03
C GLY A 377 3.49 -8.51 27.54
N ASP A 378 4.54 -8.01 26.88
CA ASP A 378 4.47 -6.65 26.32
C ASP A 378 3.53 -6.60 25.12
N LYS A 379 2.61 -5.64 25.12
CA LYS A 379 1.67 -5.41 24.01
C LYS A 379 2.30 -4.77 22.78
N ARG A 380 3.43 -4.06 22.92
CA ARG A 380 4.00 -3.33 21.79
C ARG A 380 4.82 -4.20 20.87
N LEU A 381 4.90 -3.77 19.59
CA LEU A 381 5.63 -4.57 18.62
C LEU A 381 7.11 -4.60 18.92
N SER A 382 7.64 -3.57 19.57
CA SER A 382 9.03 -3.61 19.98
C SER A 382 9.04 -3.27 21.46
N SER A 383 9.61 -4.16 22.25
CA SER A 383 9.89 -3.80 23.62
C SER A 383 11.20 -3.06 23.75
N LEU A 384 12.12 -3.30 22.81
CA LEU A 384 13.42 -2.65 22.86
C LEU A 384 14.08 -2.65 21.49
N ARG A 385 14.81 -1.58 21.20
CA ARG A 385 15.56 -1.37 19.96
C ARG A 385 16.92 -0.75 20.26
N ARG A 386 17.96 -1.38 19.68
CA ARG A 386 19.36 -1.00 19.88
C ARG A 386 20.09 -1.18 18.55
N CYS A 387 21.09 -0.35 18.29
CA CYS A 387 21.75 -0.38 17.00
CA CYS A 387 21.76 -0.37 17.00
C CYS A 387 23.24 -0.62 17.18
N CYS A 388 23.85 -1.15 16.14
CA CYS A 388 25.29 -1.24 16.11
C CYS A 388 25.72 -0.99 14.68
N ALA A 389 27.03 -0.90 14.49
CA ALA A 389 27.59 -0.66 13.16
C ALA A 389 27.44 -1.92 12.32
N LEU A 390 27.09 -1.74 11.06
CA LEU A 390 27.07 -2.84 10.11
C LEU A 390 28.23 -2.58 9.15
N THR A 391 29.34 -3.24 9.42
CA THR A 391 30.60 -3.04 8.71
C THR A 391 30.93 -4.15 7.73
N ARG A 392 30.33 -5.34 7.87
CA ARG A 392 30.56 -6.41 6.94
C ARG A 392 29.29 -7.23 6.80
N TYR A 393 29.03 -7.69 5.58
CA TYR A 393 27.89 -8.53 5.24
C TYR A 393 28.30 -9.95 5.60
N ASP A 394 28.30 -10.23 6.90
CA ASP A 394 28.69 -11.54 7.42
C ASP A 394 27.66 -11.94 8.47
N ALA A 395 26.98 -13.08 8.24
CA ALA A 395 25.85 -13.45 9.09
C ALA A 395 26.29 -13.74 10.53
N HIS A 396 27.43 -14.41 10.71
CA HIS A 396 27.89 -14.72 12.07
C HIS A 396 28.26 -13.46 12.82
N LYS A 397 28.93 -12.52 12.14
CA LYS A 397 29.23 -11.24 12.79
C LYS A 397 27.97 -10.47 13.13
N MET A 398 27.00 -10.42 12.21
CA MET A 398 25.79 -9.66 12.51
C MET A 398 25.02 -10.24 13.68
N SER A 399 24.93 -11.57 13.75
CA SER A 399 24.19 -12.19 14.85
C SER A 399 24.94 -12.06 16.17
N HIS A 400 26.27 -12.16 16.13
CA HIS A 400 27.03 -11.96 17.36
C HIS A 400 26.89 -10.53 17.88
N ASP A 401 26.95 -9.55 16.98
CA ASP A 401 26.79 -8.14 17.34
C ASP A 401 25.39 -7.87 17.88
N ALA A 402 24.37 -8.44 17.25
CA ALA A 402 23.01 -8.25 17.73
C ALA A 402 22.88 -8.80 19.15
N PHE A 403 23.46 -9.97 19.38
CA PHE A 403 23.39 -10.51 20.73
C PHE A 403 24.12 -9.59 21.71
N THR A 404 25.28 -9.04 21.33
CA THR A 404 25.99 -8.14 22.23
C THR A 404 25.16 -6.90 22.58
N VAL A 405 24.45 -6.32 21.62
CA VAL A 405 23.65 -5.13 21.94
C VAL A 405 22.46 -5.48 22.83
N ILE A 406 21.87 -6.68 22.72
CA ILE A 406 20.66 -6.97 23.50
C ILE A 406 20.89 -7.81 24.77
N LYS A 407 22.07 -8.40 24.96
CA LYS A 407 22.25 -9.46 25.96
C LYS A 407 21.94 -8.99 27.38
N ASN A 408 22.14 -7.72 27.67
N ASN A 408 22.16 -7.70 27.68
CA ASN A 408 21.89 -7.24 29.02
CA ASN A 408 21.89 -7.21 29.02
C ASN A 408 20.40 -6.94 29.26
C ASN A 408 20.39 -7.10 29.32
N CYS A 409 19.51 -7.36 28.35
CA CYS A 409 18.06 -7.39 28.60
C CYS A 409 17.62 -8.61 29.39
N ASN A 410 18.50 -9.58 29.47
CA ASN A 410 18.37 -10.87 30.14
C ASN A 410 18.54 -10.63 31.64
N THR A 411 17.48 -10.81 32.42
CA THR A 411 17.61 -10.59 33.86
C THR A 411 18.31 -11.72 34.63
N SER A 412 18.17 -13.01 34.27
CA SER A 412 18.97 -13.99 35.03
C SER A 412 19.00 -15.37 34.38
N GLY A 413 20.21 -15.84 34.08
CA GLY A 413 20.49 -17.17 33.56
C GLY A 413 20.32 -18.20 34.65
N THR A 416 22.80 -19.18 30.63
CA THR A 416 22.06 -20.35 30.14
C THR A 416 20.59 -20.08 29.91
N GLU A 417 19.92 -19.43 30.87
CA GLU A 417 18.51 -19.13 30.74
C GLU A 417 18.29 -17.68 30.29
N TRP A 418 17.13 -17.46 29.66
CA TRP A 418 16.71 -16.14 29.22
C TRP A 418 15.35 -15.82 29.82
N SER A 419 15.29 -14.76 30.60
CA SER A 419 14.09 -14.32 31.24
C SER A 419 14.04 -12.79 31.18
N PRO A 420 12.86 -12.21 30.90
CA PRO A 420 11.69 -12.99 30.48
C PRO A 420 11.88 -13.50 29.06
N PRO A 421 11.13 -14.53 28.67
CA PRO A 421 11.32 -15.10 27.33
C PRO A 421 11.00 -14.10 26.23
N LEU A 422 11.69 -14.24 25.10
CA LEU A 422 11.54 -13.36 23.93
C LEU A 422 10.43 -13.84 23.00
N THR A 423 9.48 -12.95 22.67
CA THR A 423 8.39 -13.32 21.77
C THR A 423 8.55 -12.71 20.38
N MET A 424 9.67 -12.05 20.10
CA MET A 424 9.94 -11.49 18.78
C MET A 424 11.41 -11.13 18.70
N LEU A 425 12.03 -11.45 17.56
CA LEU A 425 13.35 -10.97 17.18
C LEU A 425 13.23 -10.28 15.83
N PHE A 426 14.03 -9.23 15.61
CA PHE A 426 13.92 -8.41 14.40
C PHE A 426 15.29 -7.84 14.13
N LEU A 427 15.82 -8.09 12.94
CA LEU A 427 17.06 -7.47 12.50
C LEU A 427 16.77 -6.61 11.29
N CYS A 428 17.29 -5.38 11.28
CA CYS A 428 17.02 -4.47 10.16
C CYS A 428 18.28 -3.73 9.80
N ALA A 429 18.63 -3.78 8.51
CA ALA A 429 19.74 -3.06 7.94
C ALA A 429 19.24 -1.73 7.39
N THR A 430 19.91 -0.64 7.79
CA THR A 430 19.46 0.74 7.52
C THR A 430 20.67 1.59 7.13
N LYS A 431 20.38 2.85 6.77
CA LYS A 431 21.41 3.86 6.49
C LYS A 431 22.33 3.40 5.34
N PHE A 432 21.71 3.33 4.17
CA PHE A 432 22.42 2.90 2.97
C PHE A 432 23.27 4.04 2.44
N SER A 433 24.45 3.69 1.90
CA SER A 433 25.29 4.65 1.19
C SER A 433 25.71 4.03 -0.13
N ALA A 434 26.00 4.90 -1.11
CA ALA A 434 26.33 4.43 -2.45
C ALA A 434 27.62 3.60 -2.44
N SER A 435 27.65 2.56 -3.26
CA SER A 435 28.82 1.69 -3.33
C SER A 435 29.09 1.22 -4.75
N1 DZ4 D . 0.52 -8.96 6.98
C2 DZ4 D . 1.21 -9.63 6.06
N3 DZ4 D . 1.17 -9.53 4.74
C4 DZ4 D . 0.24 -8.63 4.37
C5 DZ4 D . -0.57 -7.88 5.19
C6 DZ4 D . -0.42 -8.07 6.57
N6 DZ4 D . -1.14 -7.40 7.46
N7 DZ4 D . -1.40 -7.07 4.45
C8 DZ4 D . -1.07 -7.35 3.20
N9 DZ4 D . -0.09 -8.28 3.10
PA DZ4 D . -2.99 -5.57 0.00
PB DZ4 D . -4.12 -7.63 -1.67
PG DZ4 D . -6.40 -6.28 -2.75
C1' DZ4 D . 0.54 -8.82 1.92
O1A DZ4 D . -2.79 -4.66 -1.10
O1B DZ4 D . -3.21 -7.19 -2.72
O1G DZ4 D . -5.40 -5.19 -2.79
C2' DZ4 D . -0.24 -9.91 1.20
O2A DZ4 D . -3.49 -4.82 1.24
O2B DZ4 D . -3.88 -9.12 -1.33
O2G DZ4 D . -6.88 -6.68 -4.10
C3' DZ4 D . -0.98 -9.14 0.12
O3' DZ4 D . -1.24 -9.92 -1.04
N3A DZ4 D . -4.09 -6.71 -0.35
O3B DZ4 D . -5.62 -7.52 -2.16
O3G DZ4 D . -7.53 -6.01 -1.81
C4' DZ4 D . -0.02 -8.01 -0.20
O4' DZ4 D . 0.73 -7.75 1.00
C5' DZ4 D . -0.69 -6.73 -0.63
O5' DZ4 D . -1.62 -6.30 0.39
MG MG E . -3.39 -5.18 -3.32
MG MG F . -1.64 -2.80 -1.27
C1 GOL G . -20.41 17.70 3.88
O1 GOL G . -20.11 17.30 5.20
C2 GOL G . -19.14 17.87 3.08
O2 GOL G . -18.81 16.67 2.41
C3 GOL G . -19.11 19.08 2.17
O3 GOL G . -17.80 19.27 1.65
C1 GOL H . 3.52 -27.98 -11.27
O1 GOL H . 4.19 -28.31 -10.06
C2 GOL H . 2.04 -27.75 -11.05
O2 GOL H . 1.81 -26.80 -10.01
C3 GOL H . 1.30 -27.33 -12.30
O3 GOL H . 0.06 -26.72 -12.01
N1 DZ4 I . -0.76 11.92 7.49
C2 DZ4 I . 0.22 12.22 6.62
N3 DZ4 I . 0.95 13.33 6.52
C4 DZ4 I . 0.60 14.21 7.48
C5 DZ4 I . -0.37 14.05 8.44
C6 DZ4 I . -1.09 12.83 8.43
N6 DZ4 I . -2.05 12.59 9.31
N7 DZ4 I . -0.44 15.18 9.25
C8 DZ4 I . 0.46 15.99 8.76
N9 DZ4 I . 1.14 15.46 7.69
C1' DZ4 I . 2.19 16.07 6.89
#